data_7K2F
#
_entry.id   7K2F
#
_cell.length_a   77.635
_cell.length_b   68.888
_cell.length_c   144.018
_cell.angle_alpha   90.000
_cell.angle_beta   90.950
_cell.angle_gamma   90.000
#
_symmetry.space_group_name_H-M   'I 1 2 1'
#
loop_
_entity.id
_entity.type
_entity.pdbx_description
1 polymer 'Kelch-like ECH-associated protein 1'
2 polymer 'Nrf2 cyclic peptide,c[GAEETGE]'
#
loop_
_entity_poly.entity_id
_entity_poly.type
_entity_poly.pdbx_seq_one_letter_code
_entity_poly.pdbx_strand_id
1 'polypeptide(L)'
;MGSSHHHHHHSSGGENLYFQGHMKPTQVMPSRAPKVGRLIYTAGGYFRQSLSYLEAYNPSDGTWLRLADLQVPRSGLAGC
VVGGLLYAVGGRNNSPDGNTDSSALDCYNPMTNQWSPCAPMSVPRNRIGVGVIDGHIYAVGGSHGCIHHNSVERYEPERD
EWHLVAPMLTRRIGVGVAVLNRLLYAVGGFDGTNRLNSAECYYPERNEWRMITAMNTIRSGAGVCVLHNCIYAAGGYDGQ
DQLNSVERYDVETETWTFVAPMKHRRSALGITVHQGRIYVLGGYDGHTFLDSVECYDPDTDTWSEVTRMTSGRSGVGVAV
TMEPSRKQIDQQNSTS
;
X,A
2 'polypeptide(L)' GAEETGE C
#
# COMPACT_ATOMS: atom_id res chain seq x y z
N GLY A 37 -21.05 -10.62 9.30
CA GLY A 37 -20.39 -11.81 9.79
C GLY A 37 -19.44 -12.42 8.78
N ARG A 38 -18.23 -12.76 9.24
N ARG A 38 -18.22 -12.71 9.21
CA ARG A 38 -17.19 -13.29 8.38
CA ARG A 38 -17.21 -13.30 8.32
C ARG A 38 -16.67 -14.60 8.97
C ARG A 38 -16.64 -14.56 8.95
N LEU A 39 -16.43 -15.57 8.11
CA LEU A 39 -15.98 -16.89 8.53
C LEU A 39 -14.62 -17.22 7.92
N ILE A 40 -13.93 -18.14 8.59
CA ILE A 40 -12.66 -18.69 8.14
C ILE A 40 -12.95 -19.97 7.33
N TYR A 41 -12.80 -19.90 6.02
CA TYR A 41 -13.03 -21.03 5.14
C TYR A 41 -11.74 -21.81 4.91
N THR A 42 -11.83 -23.14 5.00
CA THR A 42 -10.75 -24.06 4.66
C THR A 42 -11.23 -25.00 3.58
N ALA A 43 -10.43 -25.13 2.52
CA ALA A 43 -10.75 -25.86 1.31
C ALA A 43 -9.64 -26.86 1.02
N GLY A 44 -10.03 -28.09 0.70
CA GLY A 44 -9.07 -29.13 0.36
C GLY A 44 -8.31 -29.66 1.57
N GLY A 45 -7.10 -30.10 1.30
CA GLY A 45 -6.21 -30.66 2.30
C GLY A 45 -5.79 -32.07 1.94
N TYR A 46 -4.95 -32.64 2.80
CA TYR A 46 -4.46 -34.00 2.60
C TYR A 46 -4.54 -34.77 3.91
N PHE A 47 -5.20 -35.93 3.86
CA PHE A 47 -5.11 -36.93 4.92
C PHE A 47 -5.25 -38.29 4.23
N ARG A 48 -4.12 -38.97 4.04
CA ARG A 48 -4.06 -40.26 3.35
CA ARG A 48 -4.04 -40.26 3.34
C ARG A 48 -4.38 -40.12 1.87
N GLN A 49 -5.02 -39.01 1.50
CA GLN A 49 -5.32 -38.66 0.11
C GLN A 49 -5.85 -37.24 0.11
N SER A 50 -5.93 -36.65 -1.08
CA SER A 50 -6.45 -35.30 -1.20
C SER A 50 -7.93 -35.24 -0.86
N LEU A 51 -8.39 -34.08 -0.41
CA LEU A 51 -9.72 -33.93 0.17
C LEU A 51 -10.53 -32.90 -0.60
N SER A 52 -11.85 -32.99 -0.44
CA SER A 52 -12.79 -32.08 -1.08
C SER A 52 -13.51 -31.20 -0.08
N TYR A 53 -13.18 -31.27 1.20
CA TYR A 53 -13.92 -30.52 2.21
C TYR A 53 -13.80 -29.02 1.97
N LEU A 54 -14.93 -28.34 2.01
CA LEU A 54 -14.97 -26.90 2.24
C LEU A 54 -15.76 -26.68 3.53
N GLU A 55 -15.07 -26.21 4.57
CA GLU A 55 -15.68 -25.98 5.86
C GLU A 55 -15.38 -24.56 6.32
N ALA A 56 -16.28 -24.00 7.13
CA ALA A 56 -16.17 -22.61 7.54
C ALA A 56 -16.29 -22.50 9.05
N TYR A 57 -15.27 -21.93 9.67
CA TYR A 57 -15.18 -21.78 11.12
C TYR A 57 -15.69 -20.42 11.54
N ASN A 58 -16.53 -20.42 12.59
CA ASN A 58 -17.07 -19.22 13.20
C ASN A 58 -16.32 -18.96 14.51
N PRO A 59 -15.37 -18.02 14.55
CA PRO A 59 -14.61 -17.80 15.78
C PRO A 59 -15.45 -17.34 16.96
N SER A 60 -16.68 -16.88 16.73
CA SER A 60 -17.53 -16.42 17.82
CA SER A 60 -17.50 -16.42 17.83
C SER A 60 -18.28 -17.58 18.47
N ASP A 61 -19.03 -18.35 17.69
CA ASP A 61 -19.81 -19.43 18.26
C ASP A 61 -19.16 -20.80 18.10
N GLY A 62 -17.96 -20.87 17.53
CA GLY A 62 -17.17 -22.08 17.52
C GLY A 62 -17.56 -23.14 16.52
N THR A 63 -18.59 -22.90 15.71
CA THR A 63 -19.09 -23.95 14.83
C THR A 63 -18.23 -24.10 13.57
N TRP A 64 -18.30 -25.29 13.00
CA TRP A 64 -17.78 -25.59 11.67
C TRP A 64 -18.96 -25.90 10.75
N LEU A 65 -19.11 -25.08 9.72
CA LEU A 65 -20.14 -25.29 8.70
C LEU A 65 -19.59 -26.15 7.58
N ARG A 66 -20.33 -27.21 7.25
CA ARG A 66 -19.98 -28.07 6.12
C ARG A 66 -20.64 -27.51 4.86
N LEU A 67 -19.83 -27.13 3.88
CA LEU A 67 -20.29 -26.49 2.67
C LEU A 67 -20.09 -27.42 1.48
N ALA A 68 -20.36 -26.89 0.28
CA ALA A 68 -20.25 -27.70 -0.92
C ALA A 68 -18.81 -28.17 -1.14
N ASP A 69 -18.67 -29.43 -1.54
CA ASP A 69 -17.35 -29.99 -1.79
C ASP A 69 -16.72 -29.36 -3.02
N LEU A 70 -15.39 -29.32 -3.04
CA LEU A 70 -14.67 -29.03 -4.26
C LEU A 70 -15.08 -30.00 -5.35
N GLN A 71 -15.10 -29.50 -6.59
CA GLN A 71 -15.30 -30.37 -7.75
C GLN A 71 -14.30 -31.52 -7.77
N VAL A 72 -13.04 -31.23 -7.42
CA VAL A 72 -11.96 -32.22 -7.45
C VAL A 72 -11.21 -32.20 -6.13
N PRO A 73 -10.96 -33.34 -5.50
CA PRO A 73 -10.11 -33.36 -4.29
C PRO A 73 -8.73 -32.80 -4.60
N ARG A 74 -8.30 -31.83 -3.79
CA ARG A 74 -7.02 -31.17 -4.03
C ARG A 74 -6.32 -30.89 -2.71
N SER A 75 -5.01 -31.10 -2.70
CA SER A 75 -4.14 -30.78 -1.58
C SER A 75 -3.02 -29.88 -2.08
N GLY A 76 -2.44 -29.11 -1.16
CA GLY A 76 -1.37 -28.20 -1.55
C GLY A 76 -1.83 -27.05 -2.42
N LEU A 77 -3.11 -26.68 -2.33
CA LEU A 77 -3.66 -25.55 -3.05
C LEU A 77 -3.55 -24.29 -2.19
N ALA A 78 -3.96 -23.16 -2.74
CA ALA A 78 -4.00 -21.92 -1.97
C ALA A 78 -5.38 -21.28 -2.10
N GLY A 79 -5.78 -20.55 -1.07
CA GLY A 79 -7.07 -19.90 -1.03
C GLY A 79 -6.93 -18.39 -1.06
N CYS A 80 -7.89 -17.73 -1.69
CA CYS A 80 -7.89 -16.27 -1.69
C CYS A 80 -9.32 -15.77 -1.84
N VAL A 81 -9.53 -14.48 -1.59
CA VAL A 81 -10.86 -13.88 -1.69
C VAL A 81 -10.75 -12.60 -2.48
N VAL A 82 -11.51 -12.50 -3.56
CA VAL A 82 -11.61 -11.29 -4.35
C VAL A 82 -13.09 -10.98 -4.57
N GLY A 83 -13.49 -9.74 -4.30
CA GLY A 83 -14.87 -9.33 -4.50
C GLY A 83 -15.87 -10.22 -3.78
N GLY A 84 -15.53 -10.65 -2.57
CA GLY A 84 -16.42 -11.49 -1.81
C GLY A 84 -16.57 -12.90 -2.31
N LEU A 85 -15.73 -13.34 -3.25
CA LEU A 85 -15.74 -14.70 -3.78
C LEU A 85 -14.48 -15.41 -3.33
N LEU A 86 -14.62 -16.70 -3.00
CA LEU A 86 -13.51 -17.52 -2.51
C LEU A 86 -12.92 -18.31 -3.67
N TYR A 87 -11.64 -18.15 -3.93
CA TYR A 87 -10.96 -18.86 -4.98
C TYR A 87 -10.03 -19.92 -4.40
N ALA A 88 -10.06 -21.09 -5.04
CA ALA A 88 -9.15 -22.20 -4.76
C ALA A 88 -8.24 -22.36 -5.97
N VAL A 89 -6.93 -22.28 -5.73
CA VAL A 89 -5.93 -22.14 -6.79
C VAL A 89 -4.94 -23.29 -6.69
N GLY A 90 -4.81 -24.05 -7.77
CA GLY A 90 -3.72 -25.01 -7.91
C GLY A 90 -3.93 -26.28 -7.09
N GLY A 91 -2.81 -26.85 -6.65
CA GLY A 91 -2.86 -28.04 -5.83
C GLY A 91 -2.55 -29.32 -6.57
N ARG A 92 -3.09 -30.43 -6.07
CA ARG A 92 -2.77 -31.75 -6.59
C ARG A 92 -3.84 -32.72 -6.12
N ASN A 93 -4.35 -33.54 -7.04
CA ASN A 93 -5.30 -34.59 -6.71
C ASN A 93 -4.49 -35.86 -6.48
N ASN A 94 -4.32 -36.21 -5.20
CA ASN A 94 -3.78 -37.51 -4.79
C ASN A 94 -4.95 -38.43 -4.53
N SER A 95 -5.07 -39.48 -5.34
CA SER A 95 -6.14 -40.46 -5.19
C SER A 95 -5.53 -41.84 -5.22
N PRO A 96 -6.16 -42.82 -4.55
CA PRO A 96 -5.67 -44.20 -4.64
C PRO A 96 -5.64 -44.74 -6.06
N ASP A 97 -6.29 -44.06 -7.01
CA ASP A 97 -6.29 -44.44 -8.41
C ASP A 97 -5.48 -43.48 -9.27
N GLY A 98 -4.57 -42.72 -8.69
CA GLY A 98 -3.65 -41.90 -9.46
C GLY A 98 -3.43 -40.52 -8.87
N ASN A 99 -2.37 -39.86 -9.33
CA ASN A 99 -1.96 -38.57 -8.81
C ASN A 99 -1.75 -37.60 -9.96
N THR A 100 -2.24 -36.37 -9.80
CA THR A 100 -2.11 -35.37 -10.85
C THR A 100 -2.04 -33.96 -10.25
N ASP A 101 -1.02 -33.20 -10.62
CA ASP A 101 -0.98 -31.80 -10.22
C ASP A 101 -2.10 -31.04 -10.92
N SER A 102 -2.40 -29.84 -10.41
CA SER A 102 -3.59 -29.11 -10.82
C SER A 102 -3.24 -27.68 -11.19
N SER A 103 -3.68 -27.26 -12.37
CA SER A 103 -3.64 -25.86 -12.79
C SER A 103 -4.97 -25.17 -12.55
N ALA A 104 -5.88 -25.79 -11.81
CA ALA A 104 -7.25 -25.35 -11.76
C ALA A 104 -7.41 -24.09 -10.93
N LEU A 105 -8.34 -23.25 -11.36
CA LEU A 105 -8.83 -22.12 -10.56
C LEU A 105 -10.33 -22.26 -10.42
N ASP A 106 -10.82 -22.33 -9.19
CA ASP A 106 -12.25 -22.51 -8.96
C ASP A 106 -12.75 -21.46 -7.98
N CYS A 107 -14.05 -21.20 -8.02
CA CYS A 107 -14.67 -20.04 -7.40
C CYS A 107 -15.92 -20.45 -6.65
N TYR A 108 -15.98 -20.10 -5.37
CA TYR A 108 -17.07 -20.44 -4.48
C TYR A 108 -17.80 -19.18 -4.07
N ASN A 109 -19.13 -19.23 -4.10
CA ASN A 109 -19.94 -18.08 -3.70
C ASN A 109 -20.72 -18.41 -2.43
N PRO A 110 -20.47 -17.72 -1.32
CA PRO A 110 -21.23 -18.01 -0.08
C PRO A 110 -22.71 -17.71 -0.21
N MET A 111 -23.11 -16.88 -1.18
CA MET A 111 -24.53 -16.56 -1.34
C MET A 111 -25.32 -17.68 -1.99
N THR A 112 -24.67 -18.49 -2.84
CA THR A 112 -25.33 -19.62 -3.48
C THR A 112 -24.84 -20.96 -2.98
N ASN A 113 -23.75 -20.98 -2.20
CA ASN A 113 -23.10 -22.23 -1.78
C ASN A 113 -22.81 -23.12 -2.98
N GLN A 114 -22.25 -22.51 -4.01
CA GLN A 114 -21.92 -23.22 -5.24
C GLN A 114 -20.51 -22.86 -5.69
N TRP A 115 -19.87 -23.85 -6.30
CA TRP A 115 -18.59 -23.71 -6.98
C TRP A 115 -18.81 -23.59 -8.48
N SER A 116 -17.94 -22.83 -9.13
CA SER A 116 -17.91 -22.68 -10.58
C SER A 116 -16.44 -22.65 -11.01
N PRO A 117 -16.10 -23.31 -12.11
CA PRO A 117 -14.73 -23.26 -12.60
C PRO A 117 -14.42 -21.90 -13.20
N CYS A 118 -13.12 -21.61 -13.24
CA CYS A 118 -12.58 -20.43 -13.88
C CYS A 118 -11.58 -20.89 -14.94
N ALA A 119 -10.99 -19.94 -15.66
CA ALA A 119 -9.93 -20.29 -16.60
C ALA A 119 -8.72 -20.80 -15.81
N PRO A 120 -8.06 -21.86 -16.29
CA PRO A 120 -6.93 -22.41 -15.55
C PRO A 120 -5.65 -21.62 -15.79
N MET A 121 -4.69 -21.82 -14.89
CA MET A 121 -3.37 -21.27 -15.04
C MET A 121 -2.69 -21.93 -16.24
N SER A 122 -1.55 -21.35 -16.64
CA SER A 122 -0.79 -21.88 -17.76
C SER A 122 -0.20 -23.25 -17.45
N VAL A 123 0.10 -23.51 -16.17
CA VAL A 123 0.77 -24.75 -15.78
CA VAL A 123 0.77 -24.74 -15.78
C VAL A 123 0.21 -25.20 -14.44
N PRO A 124 0.24 -26.52 -14.20
CA PRO A 124 -0.14 -27.02 -12.88
C PRO A 124 0.84 -26.54 -11.82
N ARG A 125 0.32 -26.23 -10.62
CA ARG A 125 1.13 -25.68 -9.55
C ARG A 125 0.74 -26.33 -8.23
N ASN A 126 1.46 -27.37 -7.84
CA ASN A 126 1.30 -28.01 -6.54
C ASN A 126 2.15 -27.28 -5.51
N ARG A 127 1.62 -27.18 -4.28
CA ARG A 127 2.25 -26.43 -3.19
C ARG A 127 2.56 -24.99 -3.64
N ILE A 128 1.48 -24.30 -4.05
CA ILE A 128 1.50 -22.98 -4.65
C ILE A 128 1.43 -21.91 -3.57
N GLY A 129 1.88 -20.70 -3.91
CA GLY A 129 1.61 -19.52 -3.10
C GLY A 129 0.78 -18.54 -3.91
N VAL A 130 -0.09 -17.77 -3.24
CA VAL A 130 -0.90 -16.79 -3.94
C VAL A 130 -1.03 -15.51 -3.12
N GLY A 131 -1.28 -14.42 -3.83
CA GLY A 131 -1.56 -13.14 -3.19
C GLY A 131 -2.47 -12.33 -4.08
N VAL A 132 -3.11 -11.31 -3.49
CA VAL A 132 -4.03 -10.46 -4.24
C VAL A 132 -3.53 -9.02 -4.23
N ILE A 133 -3.50 -8.41 -5.41
CA ILE A 133 -3.17 -6.99 -5.56
C ILE A 133 -4.14 -6.38 -6.55
N ASP A 134 -4.80 -5.30 -6.15
CA ASP A 134 -5.78 -4.60 -6.99
C ASP A 134 -6.75 -5.58 -7.65
N GLY A 135 -7.32 -6.45 -6.82
CA GLY A 135 -8.32 -7.40 -7.27
C GLY A 135 -7.81 -8.42 -8.28
N HIS A 136 -6.50 -8.53 -8.43
CA HIS A 136 -5.88 -9.51 -9.31
C HIS A 136 -5.19 -10.59 -8.47
N ILE A 137 -5.30 -11.84 -8.90
CA ILE A 137 -4.71 -12.97 -8.19
C ILE A 137 -3.36 -13.30 -8.78
N TYR A 138 -2.33 -13.35 -7.94
CA TYR A 138 -0.99 -13.74 -8.37
C TYR A 138 -0.72 -15.15 -7.88
N ALA A 139 -0.55 -16.07 -8.82
CA ALA A 139 -0.11 -17.43 -8.56
C ALA A 139 1.40 -17.50 -8.70
N VAL A 140 2.05 -18.08 -7.69
CA VAL A 140 3.49 -18.00 -7.51
C VAL A 140 4.02 -19.40 -7.23
N GLY A 141 5.04 -19.79 -8.00
CA GLY A 141 5.84 -20.96 -7.73
C GLY A 141 5.05 -22.26 -7.88
N GLY A 142 5.38 -23.21 -7.02
CA GLY A 142 4.78 -24.52 -7.06
C GLY A 142 5.54 -25.48 -7.95
N SER A 143 5.07 -26.72 -7.96
CA SER A 143 5.71 -27.77 -8.75
C SER A 143 4.72 -28.38 -9.73
N HIS A 144 5.27 -28.93 -10.81
CA HIS A 144 4.52 -29.75 -11.76
C HIS A 144 5.38 -30.98 -12.03
N GLY A 145 5.07 -32.08 -11.35
CA GLY A 145 5.95 -33.22 -11.43
C GLY A 145 7.32 -32.84 -10.91
N CYS A 146 8.35 -33.01 -11.74
CA CYS A 146 9.72 -32.69 -11.37
CA CYS A 146 9.71 -32.67 -11.32
C CYS A 146 10.09 -31.24 -11.65
N ILE A 147 9.20 -30.47 -12.26
CA ILE A 147 9.48 -29.06 -12.52
C ILE A 147 9.23 -28.27 -11.24
N HIS A 148 10.19 -27.44 -10.87
CA HIS A 148 10.07 -26.52 -9.74
C HIS A 148 9.97 -25.12 -10.33
N HIS A 149 8.80 -24.50 -10.20
CA HIS A 149 8.53 -23.26 -10.90
C HIS A 149 9.21 -22.07 -10.23
N ASN A 150 9.80 -21.22 -11.06
CA ASN A 150 10.02 -19.83 -10.71
C ASN A 150 8.98 -18.91 -11.37
N SER A 151 8.15 -19.47 -12.24
CA SER A 151 7.19 -18.69 -12.99
C SER A 151 6.09 -18.16 -12.08
N VAL A 152 5.47 -17.07 -12.52
CA VAL A 152 4.40 -16.40 -11.80
C VAL A 152 3.38 -15.92 -12.83
N GLU A 153 2.09 -16.02 -12.51
CA GLU A 153 1.09 -15.50 -13.41
C GLU A 153 0.00 -14.75 -12.65
N ARG A 154 -0.72 -13.91 -13.40
CA ARG A 154 -1.71 -12.99 -12.84
C ARG A 154 -3.07 -13.26 -13.46
N TYR A 155 -4.09 -13.25 -12.62
CA TYR A 155 -5.47 -13.55 -13.00
C TYR A 155 -6.33 -12.32 -12.82
N GLU A 156 -7.06 -11.98 -13.88
CA GLU A 156 -8.04 -10.89 -13.88
C GLU A 156 -9.44 -11.48 -13.86
N PRO A 157 -10.17 -11.32 -12.75
CA PRO A 157 -11.52 -11.90 -12.65
C PRO A 157 -12.53 -11.22 -13.56
N GLU A 158 -12.43 -9.90 -13.73
CA GLU A 158 -13.38 -9.20 -14.59
C GLU A 158 -13.32 -9.68 -16.03
N ARG A 159 -12.23 -10.35 -16.42
CA ARG A 159 -12.10 -10.91 -17.76
C ARG A 159 -11.87 -12.42 -17.76
N ASP A 160 -11.79 -13.05 -16.60
CA ASP A 160 -11.50 -14.48 -16.48
C ASP A 160 -10.29 -14.85 -17.32
N GLU A 161 -9.16 -14.17 -17.05
CA GLU A 161 -7.99 -14.37 -17.90
C GLU A 161 -6.72 -14.47 -17.07
N TRP A 162 -5.80 -15.35 -17.49
CA TRP A 162 -4.48 -15.49 -16.89
C TRP A 162 -3.41 -14.96 -17.85
N HIS A 163 -2.36 -14.38 -17.29
CA HIS A 163 -1.24 -13.85 -18.08
C HIS A 163 0.06 -14.01 -17.30
N LEU A 164 1.11 -14.46 -17.98
CA LEU A 164 2.41 -14.60 -17.35
C LEU A 164 3.01 -13.24 -17.02
N VAL A 165 3.67 -13.16 -15.85
CA VAL A 165 4.45 -11.99 -15.49
C VAL A 165 5.91 -12.41 -15.34
N ALA A 166 6.74 -11.51 -14.83
CA ALA A 166 8.16 -11.81 -14.70
C ALA A 166 8.37 -12.95 -13.71
N PRO A 167 9.21 -13.93 -14.04
CA PRO A 167 9.44 -15.03 -13.10
C PRO A 167 10.26 -14.59 -11.91
N MET A 168 10.08 -15.31 -10.80
CA MET A 168 10.87 -15.04 -9.60
C MET A 168 12.36 -15.22 -9.89
N LEU A 169 13.18 -14.74 -8.97
CA LEU A 169 14.61 -15.00 -9.05
C LEU A 169 14.96 -16.41 -8.63
N THR A 170 14.07 -17.08 -7.90
CA THR A 170 14.31 -18.42 -7.39
C THR A 170 13.13 -19.32 -7.73
N ARG A 171 13.43 -20.59 -7.95
CA ARG A 171 12.39 -21.61 -8.07
C ARG A 171 11.94 -22.01 -6.66
N ARG A 172 10.63 -21.90 -6.40
CA ARG A 172 10.12 -22.03 -5.04
C ARG A 172 8.85 -22.86 -5.03
N ILE A 173 8.91 -24.04 -4.42
CA ILE A 173 7.73 -24.84 -4.11
CA ILE A 173 7.70 -24.81 -4.11
C ILE A 173 7.51 -24.77 -2.60
N GLY A 174 6.24 -24.81 -2.19
CA GLY A 174 5.96 -24.61 -0.77
C GLY A 174 6.27 -23.20 -0.36
N VAL A 175 6.04 -22.24 -1.25
CA VAL A 175 6.43 -20.85 -1.04
C VAL A 175 5.30 -20.13 -0.30
N GLY A 176 5.67 -19.29 0.65
CA GLY A 176 4.72 -18.41 1.30
C GLY A 176 4.61 -17.10 0.53
N VAL A 177 3.40 -16.58 0.45
CA VAL A 177 3.15 -15.36 -0.31
C VAL A 177 2.36 -14.39 0.56
N ALA A 178 2.76 -13.12 0.52
CA ALA A 178 2.05 -12.08 1.25
C ALA A 178 2.03 -10.82 0.41
N VAL A 179 1.08 -9.93 0.68
CA VAL A 179 0.97 -8.67 -0.05
C VAL A 179 1.05 -7.53 0.94
N LEU A 180 2.03 -6.65 0.76
CA LEU A 180 2.24 -5.52 1.67
C LEU A 180 2.34 -4.25 0.84
N ASN A 181 1.40 -3.33 1.05
CA ASN A 181 1.36 -2.05 0.35
C ASN A 181 1.49 -2.24 -1.15
N ARG A 182 0.66 -3.16 -1.67
CA ARG A 182 0.55 -3.48 -3.09
CA ARG A 182 0.57 -3.45 -3.10
C ARG A 182 1.86 -4.02 -3.67
N LEU A 183 2.73 -4.57 -2.84
CA LEU A 183 3.93 -5.26 -3.27
C LEU A 183 3.83 -6.73 -2.91
N LEU A 184 4.34 -7.61 -3.77
CA LEU A 184 4.09 -9.05 -3.62
C LEU A 184 5.35 -9.75 -3.11
N TYR A 185 5.26 -10.38 -1.94
CA TYR A 185 6.41 -11.00 -1.30
C TYR A 185 6.32 -12.50 -1.38
N ALA A 186 7.37 -13.12 -1.93
CA ALA A 186 7.54 -14.57 -1.94
C ALA A 186 8.64 -14.94 -0.93
N VAL A 187 8.32 -15.88 -0.06
CA VAL A 187 9.06 -16.13 1.17
C VAL A 187 9.32 -17.62 1.29
N GLY A 188 10.58 -18.00 1.50
CA GLY A 188 10.92 -19.38 1.78
C GLY A 188 10.67 -20.30 0.61
N GLY A 189 10.47 -21.56 0.91
CA GLY A 189 10.17 -22.56 -0.10
C GLY A 189 11.31 -23.57 -0.25
N PHE A 190 11.22 -24.32 -1.35
CA PHE A 190 12.11 -25.42 -1.67
C PHE A 190 12.37 -25.38 -3.17
N ASP A 191 13.64 -25.42 -3.57
CA ASP A 191 13.99 -25.26 -4.98
C ASP A 191 14.23 -26.59 -5.69
N GLY A 192 13.84 -27.70 -5.08
CA GLY A 192 14.11 -29.01 -5.61
C GLY A 192 15.37 -29.65 -5.05
N THR A 193 16.31 -28.85 -4.57
CA THR A 193 17.53 -29.30 -3.92
C THR A 193 17.70 -28.74 -2.52
N ASN A 194 17.39 -27.46 -2.33
CA ASN A 194 17.62 -26.77 -1.06
C ASN A 194 16.37 -26.03 -0.63
N ARG A 195 16.07 -26.09 0.65
CA ARG A 195 15.04 -25.24 1.22
C ARG A 195 15.64 -23.86 1.55
N LEU A 196 14.76 -22.87 1.63
CA LEU A 196 15.19 -21.48 1.53
C LEU A 196 14.75 -20.67 2.74
N ASN A 197 15.61 -19.73 3.15
CA ASN A 197 15.21 -18.63 4.02
C ASN A 197 15.15 -17.32 3.26
N SER A 198 15.55 -17.31 1.99
CA SER A 198 15.56 -16.08 1.21
C SER A 198 14.13 -15.63 0.93
N ALA A 199 14.00 -14.37 0.51
CA ALA A 199 12.71 -13.82 0.15
C ALA A 199 12.91 -12.75 -0.91
N GLU A 200 11.92 -12.59 -1.78
CA GLU A 200 11.97 -11.57 -2.82
C GLU A 200 10.63 -10.86 -2.88
N CYS A 201 10.62 -9.74 -3.59
CA CYS A 201 9.44 -8.90 -3.68
CA CYS A 201 9.47 -8.85 -3.67
C CYS A 201 9.26 -8.44 -5.12
N TYR A 202 8.03 -8.58 -5.60
CA TYR A 202 7.61 -8.24 -6.95
C TYR A 202 6.95 -6.87 -6.95
N TYR A 203 7.47 -6.00 -7.82
CA TYR A 203 6.88 -4.70 -8.15
C TYR A 203 6.08 -4.88 -9.43
N PRO A 204 4.75 -4.78 -9.38
CA PRO A 204 3.94 -4.99 -10.59
C PRO A 204 4.12 -3.93 -11.64
N GLU A 205 4.28 -2.66 -11.23
CA GLU A 205 4.47 -1.58 -12.21
C GLU A 205 5.72 -1.81 -13.04
N ARG A 206 6.86 -2.00 -12.37
CA ARG A 206 8.08 -2.37 -13.09
C ARG A 206 8.01 -3.77 -13.67
N ASN A 207 7.14 -4.62 -13.11
CA ASN A 207 7.10 -6.04 -13.45
C ASN A 207 8.47 -6.67 -13.21
N GLU A 208 8.91 -6.63 -11.95
CA GLU A 208 10.22 -7.24 -11.68
C GLU A 208 10.37 -7.57 -10.20
N TRP A 209 11.30 -8.49 -9.94
CA TRP A 209 11.53 -9.05 -8.62
C TRP A 209 12.86 -8.53 -8.07
N ARG A 210 12.90 -8.34 -6.75
CA ARG A 210 14.10 -7.88 -6.06
C ARG A 210 14.24 -8.63 -4.75
N MET A 211 15.44 -9.14 -4.47
CA MET A 211 15.69 -9.84 -3.22
CA MET A 211 15.67 -9.84 -3.22
C MET A 211 15.57 -8.88 -2.04
N ILE A 212 15.08 -9.40 -0.92
CA ILE A 212 15.02 -8.64 0.32
C ILE A 212 15.83 -9.39 1.35
N THR A 213 15.90 -8.85 2.57
CA THR A 213 16.53 -9.54 3.68
C THR A 213 15.94 -10.93 3.84
N ALA A 214 16.80 -11.91 4.08
CA ALA A 214 16.33 -13.27 4.28
C ALA A 214 15.85 -13.47 5.72
N MET A 215 14.94 -14.42 5.88
CA MET A 215 14.47 -14.76 7.21
C MET A 215 15.61 -15.32 8.05
N ASN A 216 15.37 -15.36 9.36
CA ASN A 216 16.33 -16.04 10.24
C ASN A 216 16.35 -17.55 9.99
N THR A 217 15.21 -18.12 9.60
CA THR A 217 15.07 -19.57 9.55
C THR A 217 14.67 -20.03 8.15
N ILE A 218 15.29 -21.12 7.71
CA ILE A 218 14.90 -21.79 6.48
C ILE A 218 13.52 -22.41 6.67
N ARG A 219 12.59 -22.09 5.77
CA ARG A 219 11.22 -22.54 5.92
C ARG A 219 10.66 -22.97 4.58
N SER A 220 10.27 -24.25 4.48
CA SER A 220 9.48 -24.77 3.38
C SER A 220 8.06 -25.05 3.90
N GLY A 221 7.06 -24.69 3.11
CA GLY A 221 5.69 -24.94 3.49
C GLY A 221 5.26 -24.25 4.76
N ALA A 222 5.78 -23.06 5.01
CA ALA A 222 5.34 -22.26 6.14
C ALA A 222 4.04 -21.55 5.82
N GLY A 223 3.43 -20.95 6.85
CA GLY A 223 2.28 -20.10 6.69
C GLY A 223 2.70 -18.65 6.72
N VAL A 224 2.44 -17.93 5.64
CA VAL A 224 2.85 -16.55 5.51
C VAL A 224 1.60 -15.69 5.30
N CYS A 225 1.48 -14.62 6.08
CA CYS A 225 0.35 -13.71 5.97
C CYS A 225 0.81 -12.30 6.24
N VAL A 226 -0.11 -11.34 6.18
CA VAL A 226 0.16 -9.96 6.57
CA VAL A 226 0.15 -9.96 6.55
C VAL A 226 -0.80 -9.59 7.69
N LEU A 227 -0.24 -8.97 8.73
CA LEU A 227 -1.02 -8.55 9.89
C LEU A 227 -0.51 -7.19 10.33
N HIS A 228 -1.42 -6.22 10.37
CA HIS A 228 -1.13 -4.87 10.85
C HIS A 228 0.19 -4.35 10.28
N ASN A 229 0.35 -4.51 8.96
CA ASN A 229 1.46 -3.97 8.20
C ASN A 229 2.80 -4.63 8.53
N CYS A 230 2.78 -5.91 8.90
CA CYS A 230 4.01 -6.70 8.98
C CYS A 230 3.75 -8.06 8.36
N ILE A 231 4.79 -8.63 7.74
CA ILE A 231 4.67 -9.94 7.11
C ILE A 231 5.04 -11.02 8.12
N TYR A 232 4.14 -11.97 8.36
CA TYR A 232 4.38 -13.05 9.30
C TYR A 232 4.69 -14.35 8.55
N ALA A 233 5.68 -15.08 9.05
CA ALA A 233 6.06 -16.41 8.58
C ALA A 233 6.10 -17.33 9.79
N ALA A 234 5.23 -18.34 9.79
CA ALA A 234 5.02 -19.21 10.93
C ALA A 234 5.22 -20.67 10.50
N GLY A 235 5.97 -21.42 11.28
CA GLY A 235 6.11 -22.84 11.02
C GLY A 235 6.88 -23.13 9.73
N GLY A 236 6.57 -24.28 9.16
CA GLY A 236 7.26 -24.77 7.97
C GLY A 236 8.18 -25.93 8.27
N TYR A 237 9.06 -26.19 7.30
CA TYR A 237 9.98 -27.32 7.36
C TYR A 237 11.34 -26.86 6.86
N ASP A 238 12.39 -27.12 7.64
CA ASP A 238 13.74 -26.69 7.30
C ASP A 238 14.61 -27.82 6.76
N GLY A 239 14.00 -28.94 6.40
CA GLY A 239 14.73 -30.10 5.93
C GLY A 239 15.11 -31.10 7.01
N GLN A 240 15.04 -30.70 8.28
CA GLN A 240 15.31 -31.61 9.39
C GLN A 240 14.15 -31.71 10.36
N ASP A 241 13.53 -30.58 10.74
CA ASP A 241 12.46 -30.55 11.72
CA ASP A 241 12.42 -30.63 11.67
C ASP A 241 11.29 -29.71 11.21
N GLN A 242 10.10 -30.03 11.68
CA GLN A 242 8.97 -29.14 11.53
C GLN A 242 9.13 -28.03 12.55
N LEU A 243 8.76 -26.82 12.16
CA LEU A 243 9.08 -25.64 12.95
C LEU A 243 7.85 -25.12 13.69
N ASN A 244 8.06 -24.63 14.92
CA ASN A 244 7.05 -23.88 15.65
C ASN A 244 7.37 -22.40 15.72
N SER A 245 8.54 -21.98 15.25
CA SER A 245 8.95 -20.58 15.36
C SER A 245 8.14 -19.70 14.42
N VAL A 246 8.02 -18.43 14.80
CA VAL A 246 7.28 -17.42 14.03
C VAL A 246 8.13 -16.16 13.98
N GLU A 247 8.31 -15.60 12.78
CA GLU A 247 9.03 -14.34 12.63
C GLU A 247 8.30 -13.42 11.67
N ARG A 248 8.44 -12.13 11.89
CA ARG A 248 7.73 -11.12 11.12
C ARG A 248 8.70 -10.07 10.59
N TYR A 249 8.38 -9.59 9.39
CA TYR A 249 9.20 -8.66 8.63
C TYR A 249 8.57 -7.29 8.71
N ASP A 250 9.38 -6.30 9.11
CA ASP A 250 9.05 -4.89 9.01
C ASP A 250 9.76 -4.30 7.80
N VAL A 251 8.99 -3.63 6.94
CA VAL A 251 9.54 -2.97 5.76
CA VAL A 251 9.56 -2.98 5.76
C VAL A 251 10.31 -1.72 6.16
N GLU A 252 9.85 -1.02 7.21
CA GLU A 252 10.55 0.17 7.69
C GLU A 252 12.01 -0.15 7.97
N THR A 253 12.25 -1.12 8.85
CA THR A 253 13.59 -1.55 9.22
C THR A 253 14.16 -2.62 8.31
N GLU A 254 13.35 -3.15 7.39
CA GLU A 254 13.76 -4.22 6.48
C GLU A 254 14.34 -5.40 7.27
N THR A 255 13.61 -5.83 8.29
CA THR A 255 14.17 -6.78 9.25
C THR A 255 13.13 -7.81 9.68
N TRP A 256 13.59 -9.05 9.86
CA TRP A 256 12.80 -10.15 10.39
C TRP A 256 13.09 -10.33 11.87
N THR A 257 12.05 -10.29 12.70
CA THR A 257 12.17 -10.46 14.14
C THR A 257 11.31 -11.65 14.58
N PHE A 258 11.89 -12.51 15.41
CA PHE A 258 11.11 -13.60 15.98
C PHE A 258 10.05 -13.03 16.93
N VAL A 259 8.88 -13.67 16.95
CA VAL A 259 7.86 -13.39 17.96
C VAL A 259 7.58 -14.69 18.69
N ALA A 260 6.45 -14.75 19.39
CA ALA A 260 6.12 -15.95 20.14
C ALA A 260 5.94 -17.13 19.19
N PRO A 261 6.48 -18.30 19.51
CA PRO A 261 6.29 -19.47 18.66
C PRO A 261 4.94 -20.13 18.92
N MET A 262 4.48 -20.89 17.93
CA MET A 262 3.24 -21.64 18.07
C MET A 262 3.40 -22.74 19.12
N LYS A 263 2.25 -23.28 19.55
CA LYS A 263 2.29 -24.36 20.52
C LYS A 263 2.79 -25.65 19.89
N HIS A 264 2.33 -25.96 18.67
CA HIS A 264 2.65 -27.21 18.01
C HIS A 264 3.39 -26.90 16.72
N ARG A 265 4.59 -27.45 16.58
CA ARG A 265 5.30 -27.31 15.32
CA ARG A 265 5.32 -27.35 15.32
C ARG A 265 4.48 -27.94 14.19
N ARG A 266 4.55 -27.33 13.02
CA ARG A 266 3.70 -27.78 11.93
C ARG A 266 4.24 -27.24 10.62
N SER A 267 4.18 -28.07 9.59
CA SER A 267 4.50 -27.67 8.22
C SER A 267 3.30 -27.96 7.35
N ALA A 268 3.20 -27.22 6.24
CA ALA A 268 2.03 -27.26 5.36
C ALA A 268 0.75 -26.89 6.11
N LEU A 269 0.85 -25.86 6.96
CA LEU A 269 -0.30 -25.30 7.64
C LEU A 269 -1.03 -24.33 6.72
N GLY A 270 -2.31 -24.11 7.02
CA GLY A 270 -3.06 -23.01 6.45
C GLY A 270 -3.01 -21.84 7.40
N ILE A 271 -3.04 -20.63 6.87
CA ILE A 271 -2.93 -19.43 7.70
C ILE A 271 -3.80 -18.32 7.14
N THR A 272 -4.47 -17.59 8.04
CA THR A 272 -5.26 -16.44 7.61
C THR A 272 -5.36 -15.44 8.75
N VAL A 273 -5.83 -14.25 8.42
CA VAL A 273 -6.08 -13.19 9.39
C VAL A 273 -7.58 -12.99 9.49
N HIS A 274 -8.10 -13.01 10.71
CA HIS A 274 -9.50 -12.73 10.98
C HIS A 274 -9.55 -11.75 12.15
N GLN A 275 -10.19 -10.60 11.92
CA GLN A 275 -10.39 -9.57 12.94
CA GLN A 275 -10.39 -9.56 12.93
C GLN A 275 -9.11 -9.29 13.72
N GLY A 276 -8.04 -9.00 12.98
CA GLY A 276 -6.78 -8.62 13.57
C GLY A 276 -6.07 -9.70 14.36
N ARG A 277 -6.42 -10.97 14.18
CA ARG A 277 -5.67 -12.06 14.80
C ARG A 277 -5.30 -13.08 13.74
N ILE A 278 -4.20 -13.79 13.97
CA ILE A 278 -3.73 -14.79 13.02
C ILE A 278 -4.26 -16.16 13.43
N TYR A 279 -4.77 -16.91 12.47
CA TYR A 279 -5.20 -18.28 12.69
C TYR A 279 -4.36 -19.21 11.83
N VAL A 280 -3.82 -20.25 12.45
CA VAL A 280 -3.12 -21.31 11.75
C VAL A 280 -3.90 -22.61 11.94
N LEU A 281 -4.14 -23.30 10.83
CA LEU A 281 -4.99 -24.47 10.77
C LEU A 281 -4.17 -25.65 10.29
N GLY A 282 -4.26 -26.76 11.02
CA GLY A 282 -3.73 -28.05 10.63
C GLY A 282 -2.23 -28.03 10.36
N GLY A 283 -1.82 -28.88 9.43
CA GLY A 283 -0.43 -29.08 9.12
C GLY A 283 0.03 -30.49 9.47
N TYR A 284 1.34 -30.69 9.41
CA TYR A 284 1.98 -31.98 9.61
C TYR A 284 3.18 -31.78 10.51
N ASP A 285 3.27 -32.57 11.60
CA ASP A 285 4.33 -32.40 12.59
C ASP A 285 5.36 -33.53 12.54
N GLY A 286 5.50 -34.21 11.41
CA GLY A 286 6.40 -35.32 11.28
C GLY A 286 5.82 -36.66 11.68
N HIS A 287 4.64 -36.67 12.31
CA HIS A 287 4.03 -37.93 12.72
C HIS A 287 2.55 -37.98 12.38
N THR A 288 1.81 -36.90 12.67
CA THR A 288 0.38 -36.88 12.46
C THR A 288 -0.02 -35.64 11.69
N PHE A 289 -1.18 -35.72 11.05
CA PHE A 289 -1.79 -34.56 10.40
C PHE A 289 -2.69 -33.89 11.43
N LEU A 290 -2.41 -32.62 11.69
CA LEU A 290 -3.01 -31.92 12.81
C LEU A 290 -4.41 -31.42 12.46
N ASP A 291 -5.30 -31.45 13.46
CA ASP A 291 -6.55 -30.71 13.39
C ASP A 291 -6.55 -29.48 14.29
N SER A 292 -5.48 -29.29 15.07
CA SER A 292 -5.38 -28.14 15.96
CA SER A 292 -5.39 -28.14 15.96
C SER A 292 -5.48 -26.83 15.18
N VAL A 293 -6.14 -25.84 15.78
CA VAL A 293 -6.20 -24.48 15.24
C VAL A 293 -5.68 -23.55 16.31
N GLU A 294 -4.63 -22.80 15.97
CA GLU A 294 -4.03 -21.85 16.91
C GLU A 294 -4.30 -20.42 16.49
N CYS A 295 -4.33 -19.53 17.48
CA CYS A 295 -4.66 -18.13 17.26
C CYS A 295 -3.62 -17.24 17.93
N TYR A 296 -3.10 -16.30 17.16
CA TYR A 296 -2.09 -15.34 17.61
C TYR A 296 -2.77 -13.98 17.80
N ASP A 297 -2.66 -13.47 19.03
CA ASP A 297 -3.05 -12.11 19.42
C ASP A 297 -1.79 -11.26 19.44
N PRO A 298 -1.61 -10.33 18.49
CA PRO A 298 -0.36 -9.55 18.46
C PRO A 298 -0.21 -8.63 19.66
N ASP A 299 -1.32 -8.19 20.26
CA ASP A 299 -1.23 -7.23 21.37
C ASP A 299 -0.66 -7.88 22.63
N THR A 300 -0.81 -9.20 22.78
CA THR A 300 -0.20 -9.92 23.90
C THR A 300 0.98 -10.77 23.48
N ASP A 301 1.24 -10.88 22.18
CA ASP A 301 2.26 -11.79 21.64
C ASP A 301 2.09 -13.19 22.23
N THR A 302 0.86 -13.69 22.19
CA THR A 302 0.56 -15.02 22.70
C THR A 302 -0.19 -15.82 21.65
N TRP A 303 -0.01 -17.14 21.72
CA TRP A 303 -0.75 -18.10 20.94
C TRP A 303 -1.69 -18.87 21.85
N SER A 304 -2.83 -19.26 21.32
CA SER A 304 -3.76 -20.12 22.06
C SER A 304 -4.51 -21.02 21.10
N GLU A 305 -4.74 -22.25 21.52
CA GLU A 305 -5.54 -23.20 20.75
C GLU A 305 -7.01 -22.85 20.94
N VAL A 306 -7.71 -22.59 19.83
CA VAL A 306 -9.07 -22.12 19.90
C VAL A 306 -10.10 -23.16 19.43
N THR A 307 -9.73 -24.04 18.50
CA THR A 307 -10.65 -25.08 18.05
C THR A 307 -9.85 -26.23 17.45
N ARG A 308 -10.58 -27.27 17.07
CA ARG A 308 -10.03 -28.37 16.30
C ARG A 308 -10.88 -28.56 15.06
N MET A 309 -10.22 -28.79 13.93
CA MET A 309 -10.95 -29.11 12.72
CA MET A 309 -10.92 -29.12 12.70
C MET A 309 -11.64 -30.47 12.87
N THR A 310 -12.63 -30.69 12.00
CA THR A 310 -13.40 -31.92 12.10
C THR A 310 -12.55 -33.16 11.79
N SER A 311 -11.41 -32.99 11.15
CA SER A 311 -10.45 -34.06 10.94
C SER A 311 -9.11 -33.44 10.56
N GLY A 312 -8.04 -34.09 10.99
CA GLY A 312 -6.71 -33.57 10.70
C GLY A 312 -6.41 -33.59 9.21
N ARG A 313 -5.64 -32.59 8.78
CA ARG A 313 -5.26 -32.44 7.38
C ARG A 313 -4.13 -31.45 7.27
N SER A 314 -3.41 -31.51 6.15
CA SER A 314 -2.34 -30.58 5.82
C SER A 314 -2.59 -30.05 4.42
N GLY A 315 -1.84 -29.01 4.06
CA GLY A 315 -1.91 -28.45 2.72
C GLY A 315 -3.28 -27.94 2.29
N VAL A 316 -3.96 -27.21 3.17
CA VAL A 316 -5.26 -26.64 2.85
C VAL A 316 -5.07 -25.27 2.23
N GLY A 317 -6.14 -24.76 1.61
CA GLY A 317 -6.26 -23.36 1.28
C GLY A 317 -7.25 -22.72 2.22
N VAL A 318 -6.90 -21.55 2.76
CA VAL A 318 -7.71 -20.89 3.77
CA VAL A 318 -7.73 -20.90 3.75
C VAL A 318 -7.88 -19.43 3.39
N ALA A 319 -9.06 -18.88 3.69
CA ALA A 319 -9.31 -17.45 3.48
C ALA A 319 -10.52 -17.06 4.33
N VAL A 320 -10.86 -15.78 4.31
CA VAL A 320 -11.93 -15.25 5.14
C VAL A 320 -12.93 -14.50 4.27
N THR A 321 -14.21 -14.81 4.44
CA THR A 321 -15.23 -14.03 3.73
C THR A 321 -16.60 -14.17 4.37
N GLY B 37 -16.11 7.03 -9.92
CA GLY B 37 -16.33 6.83 -8.50
C GLY B 37 -15.58 7.81 -7.61
N ARG B 38 -14.35 8.14 -7.99
N ARG B 38 -14.37 8.16 -8.03
CA ARG B 38 -13.51 9.04 -7.21
CA ARG B 38 -13.50 9.04 -7.27
C ARG B 38 -12.99 10.18 -8.08
C ARG B 38 -13.05 10.19 -8.14
N LEU B 39 -13.21 11.40 -7.63
CA LEU B 39 -12.70 12.60 -8.27
C LEU B 39 -11.51 13.11 -7.48
N ILE B 40 -10.86 14.12 -8.05
CA ILE B 40 -9.79 14.82 -7.35
C ILE B 40 -10.13 16.29 -7.23
N TYR B 41 -10.23 16.76 -6.00
CA TYR B 41 -10.52 18.15 -5.74
C TYR B 41 -9.23 18.96 -5.77
N THR B 42 -9.31 20.10 -6.45
CA THR B 42 -8.35 21.18 -6.32
C THR B 42 -9.07 22.33 -5.61
N ALA B 43 -8.49 22.77 -4.50
CA ALA B 43 -9.07 23.78 -3.62
C ALA B 43 -8.11 24.94 -3.47
N GLY B 44 -8.66 26.15 -3.51
CA GLY B 44 -7.83 27.33 -3.36
C GLY B 44 -6.99 27.59 -4.60
N GLY B 45 -5.90 28.32 -4.38
CA GLY B 45 -4.97 28.67 -5.44
C GLY B 45 -4.76 30.16 -5.53
N TYR B 46 -3.88 30.55 -6.46
CA TYR B 46 -3.56 31.95 -6.68
C TYR B 46 -3.65 32.30 -8.15
N PHE B 47 -4.41 33.35 -8.45
CA PHE B 47 -4.35 34.03 -9.74
C PHE B 47 -4.77 35.47 -9.47
N ARG B 48 -3.79 36.39 -9.49
CA ARG B 48 -3.97 37.80 -9.17
CA ARG B 48 -3.97 37.80 -9.18
C ARG B 48 -4.32 38.01 -7.70
N GLN B 49 -5.01 37.04 -7.10
CA GLN B 49 -5.33 37.05 -5.67
C GLN B 49 -5.67 35.63 -5.27
N SER B 50 -5.61 35.36 -3.97
CA SER B 50 -5.97 34.04 -3.47
C SER B 50 -7.44 33.74 -3.74
N LEU B 51 -7.73 32.46 -3.99
CA LEU B 51 -9.01 32.06 -4.57
C LEU B 51 -9.74 31.11 -3.64
N SER B 52 -11.06 31.06 -3.80
CA SER B 52 -11.93 30.16 -3.05
C SER B 52 -12.45 29.00 -3.90
N TYR B 53 -11.98 28.86 -5.13
CA TYR B 53 -12.45 27.77 -5.99
C TYR B 53 -12.26 26.42 -5.31
N LEU B 54 -13.30 25.59 -5.38
CA LEU B 54 -13.17 24.16 -5.11
C LEU B 54 -13.76 23.43 -6.31
N GLU B 55 -12.88 22.91 -7.16
CA GLU B 55 -13.32 22.18 -8.34
C GLU B 55 -12.88 20.72 -8.20
N ALA B 56 -13.57 19.85 -8.94
CA ALA B 56 -13.31 18.42 -8.88
C ALA B 56 -13.14 17.88 -10.29
N TYR B 57 -12.07 17.14 -10.52
CA TYR B 57 -11.81 16.54 -11.82
C TYR B 57 -12.19 15.07 -11.80
N ASN B 58 -12.91 14.62 -12.84
CA ASN B 58 -13.11 13.19 -13.03
C ASN B 58 -12.31 12.72 -14.23
N PRO B 59 -11.33 11.83 -14.06
CA PRO B 59 -10.51 11.38 -15.20
C PRO B 59 -11.29 10.57 -16.23
N SER B 60 -12.49 10.08 -15.89
CA SER B 60 -13.24 9.25 -16.83
CA SER B 60 -13.23 9.25 -16.84
C SER B 60 -13.94 10.08 -17.90
N ASP B 61 -14.35 11.31 -17.57
CA ASP B 61 -15.05 12.15 -18.53
C ASP B 61 -14.24 13.31 -19.06
N GLY B 62 -13.13 13.66 -18.40
CA GLY B 62 -12.57 14.98 -18.63
C GLY B 62 -13.46 16.09 -18.10
N THR B 63 -14.36 15.77 -17.18
CA THR B 63 -15.31 16.74 -16.67
C THR B 63 -14.79 17.43 -15.42
N TRP B 64 -15.16 18.70 -15.30
CA TRP B 64 -14.93 19.52 -14.13
C TRP B 64 -16.24 19.72 -13.37
N LEU B 65 -16.13 19.78 -12.05
CA LEU B 65 -17.26 19.83 -11.13
C LEU B 65 -17.04 21.06 -10.25
N ARG B 66 -17.78 22.12 -10.51
CA ARG B 66 -17.62 23.39 -9.78
C ARG B 66 -18.42 23.30 -8.50
N LEU B 67 -17.76 22.87 -7.43
CA LEU B 67 -18.39 22.70 -6.13
C LEU B 67 -18.35 24.02 -5.35
N ALA B 68 -18.69 23.96 -4.06
CA ALA B 68 -18.85 25.15 -3.25
C ALA B 68 -17.53 25.89 -3.08
N ASP B 69 -17.63 27.16 -2.72
CA ASP B 69 -16.47 27.99 -2.48
C ASP B 69 -15.92 27.76 -1.06
N LEU B 70 -14.61 27.90 -0.92
CA LEU B 70 -14.01 27.95 0.40
C LEU B 70 -14.54 29.18 1.14
N GLN B 71 -14.69 29.05 2.47
CA GLN B 71 -15.16 30.19 3.25
C GLN B 71 -14.19 31.37 3.13
N VAL B 72 -12.90 31.08 3.25
CA VAL B 72 -11.85 32.11 3.16
C VAL B 72 -10.94 31.75 1.99
N PRO B 73 -10.64 32.67 1.09
CA PRO B 73 -9.68 32.37 0.01
C PRO B 73 -8.31 32.02 0.57
N ARG B 74 -7.57 31.19 -0.16
CA ARG B 74 -6.26 30.79 0.29
C ARG B 74 -5.45 30.21 -0.86
N SER B 75 -4.15 30.54 -0.85
CA SER B 75 -3.17 29.91 -1.71
C SER B 75 -2.01 29.46 -0.84
N GLY B 76 -1.18 28.56 -1.37
CA GLY B 76 -0.12 28.00 -0.56
C GLY B 76 -0.60 27.05 0.52
N LEU B 77 -1.81 26.55 0.40
CA LEU B 77 -2.37 25.60 1.35
C LEU B 77 -2.11 24.18 0.89
N ALA B 78 -2.51 23.23 1.72
CA ALA B 78 -2.34 21.82 1.40
C ALA B 78 -3.64 21.08 1.66
N GLY B 79 -3.94 20.10 0.81
CA GLY B 79 -5.18 19.35 0.89
C GLY B 79 -4.90 17.89 1.23
N CYS B 80 -5.79 17.29 2.02
CA CYS B 80 -5.69 15.87 2.30
C CYS B 80 -7.10 15.30 2.48
N VAL B 81 -7.17 13.98 2.63
CA VAL B 81 -8.45 13.29 2.75
C VAL B 81 -8.39 12.35 3.94
N VAL B 82 -9.43 12.36 4.78
CA VAL B 82 -9.56 11.42 5.88
C VAL B 82 -11.01 10.96 5.93
N GLY B 83 -11.22 9.65 5.77
CA GLY B 83 -12.58 9.13 5.78
C GLY B 83 -13.50 9.80 4.79
N GLY B 84 -12.99 10.10 3.61
CA GLY B 84 -13.80 10.72 2.58
C GLY B 84 -14.18 12.15 2.88
N LEU B 85 -13.57 12.76 3.90
CA LEU B 85 -13.78 14.17 4.20
C LEU B 85 -12.51 14.93 3.89
N LEU B 86 -12.66 16.04 3.17
CA LEU B 86 -11.55 16.72 2.51
C LEU B 86 -11.08 17.89 3.34
N TYR B 87 -9.86 17.81 3.87
CA TYR B 87 -9.32 18.89 4.68
C TYR B 87 -8.46 19.83 3.85
N ALA B 88 -8.70 21.13 4.05
CA ALA B 88 -7.83 22.20 3.59
C ALA B 88 -7.08 22.76 4.79
N VAL B 89 -5.76 22.87 4.67
CA VAL B 89 -4.90 23.25 5.78
C VAL B 89 -4.00 24.40 5.36
N GLY B 90 -3.94 25.43 6.20
CA GLY B 90 -2.92 26.46 6.07
C GLY B 90 -3.12 27.35 4.86
N GLY B 91 -2.00 27.84 4.33
CA GLY B 91 -2.03 28.77 3.23
C GLY B 91 -2.06 30.20 3.72
N ARG B 92 -2.45 31.10 2.81
CA ARG B 92 -2.61 32.50 3.17
C ARG B 92 -3.57 33.16 2.18
N ASN B 93 -4.28 34.17 2.66
CA ASN B 93 -5.19 34.96 1.85
C ASN B 93 -4.44 36.21 1.40
N ASN B 94 -4.03 36.22 0.14
CA ASN B 94 -3.27 37.31 -0.48
C ASN B 94 -4.23 38.07 -1.38
N SER B 95 -4.68 39.23 -0.93
CA SER B 95 -5.76 39.97 -1.57
C SER B 95 -5.38 41.45 -1.62
N PRO B 96 -6.04 42.22 -2.48
CA PRO B 96 -5.76 43.67 -2.54
C PRO B 96 -5.88 44.40 -1.21
N ASP B 97 -6.40 43.75 -0.18
CA ASP B 97 -6.55 44.38 1.14
C ASP B 97 -5.83 43.63 2.25
N GLY B 98 -5.01 42.64 1.93
CA GLY B 98 -4.35 41.91 3.01
C GLY B 98 -3.48 40.79 2.49
N ASN B 99 -2.84 40.12 3.44
CA ASN B 99 -1.91 39.04 3.13
C ASN B 99 -1.79 38.14 4.37
N THR B 100 -2.92 37.54 4.76
CA THR B 100 -3.03 36.92 6.08
C THR B 100 -2.67 35.43 5.99
N ASP B 101 -1.57 35.06 6.64
CA ASP B 101 -1.25 33.65 6.79
C ASP B 101 -2.34 32.94 7.59
N SER B 102 -2.59 31.69 7.25
CA SER B 102 -3.74 30.95 7.77
C SER B 102 -3.27 29.85 8.71
N SER B 103 -3.87 29.82 9.91
CA SER B 103 -3.77 28.68 10.81
C SER B 103 -5.02 27.82 10.78
N ALA B 104 -5.81 27.94 9.71
CA ALA B 104 -7.14 27.34 9.66
C ALA B 104 -7.10 25.94 9.07
N LEU B 105 -8.00 25.10 9.57
CA LEU B 105 -8.25 23.76 9.05
C LEU B 105 -9.73 23.64 8.78
N ASP B 106 -10.11 23.40 7.53
CA ASP B 106 -11.51 23.36 7.15
C ASP B 106 -11.82 22.05 6.43
N CYS B 107 -12.83 21.33 6.90
CA CYS B 107 -13.19 20.04 6.34
C CYS B 107 -14.44 20.16 5.49
N TYR B 108 -14.40 19.56 4.31
CA TYR B 108 -15.49 19.60 3.35
C TYR B 108 -16.12 18.22 3.24
N ASN B 109 -17.46 18.19 3.16
CA ASN B 109 -18.19 16.94 3.06
C ASN B 109 -18.69 16.74 1.62
N PRO B 110 -18.20 15.74 0.89
CA PRO B 110 -18.69 15.52 -0.47
C PRO B 110 -20.16 15.14 -0.55
N MET B 111 -20.79 14.79 0.56
CA MET B 111 -22.21 14.45 0.49
C MET B 111 -23.11 15.64 0.83
N THR B 112 -22.69 16.48 1.77
CA THR B 112 -23.46 17.68 2.10
C THR B 112 -23.14 18.84 1.17
N ASN B 113 -21.93 18.83 0.58
CA ASN B 113 -21.36 19.98 -0.12
C ASN B 113 -21.26 21.19 0.81
N GLN B 114 -20.89 20.95 2.06
CA GLN B 114 -20.65 22.04 2.98
C GLN B 114 -19.26 21.92 3.61
N TRP B 115 -18.65 23.08 3.78
CA TRP B 115 -17.41 23.27 4.52
C TRP B 115 -17.74 23.46 5.99
N SER B 116 -16.78 23.11 6.85
CA SER B 116 -17.01 23.17 8.27
C SER B 116 -15.69 23.48 8.96
N PRO B 117 -15.67 24.46 9.87
CA PRO B 117 -14.42 24.86 10.51
C PRO B 117 -14.03 23.89 11.62
N CYS B 118 -12.79 23.43 11.57
CA CYS B 118 -12.19 22.65 12.64
C CYS B 118 -11.15 23.49 13.37
N ALA B 119 -10.62 22.93 14.45
CA ALA B 119 -9.72 23.67 15.32
C ALA B 119 -8.50 24.16 14.56
N PRO B 120 -8.00 25.36 14.86
CA PRO B 120 -6.81 25.87 14.18
C PRO B 120 -5.53 25.32 14.81
N MET B 121 -4.42 25.61 14.13
CA MET B 121 -3.11 25.13 14.55
C MET B 121 -2.45 26.13 15.50
N SER B 122 -1.33 25.69 16.10
CA SER B 122 -0.62 26.55 17.02
C SER B 122 -0.08 27.81 16.34
N VAL B 123 0.12 27.75 15.02
CA VAL B 123 0.73 28.85 14.26
CA VAL B 123 0.73 28.84 14.27
C VAL B 123 0.17 28.84 12.85
N PRO B 124 0.13 29.98 12.16
CA PRO B 124 -0.25 29.97 10.75
C PRO B 124 0.88 29.37 9.90
N ARG B 125 0.49 28.64 8.86
CA ARG B 125 1.44 27.89 8.03
C ARG B 125 1.11 28.13 6.55
N ASN B 126 1.75 29.14 5.96
CA ASN B 126 1.67 29.36 4.52
C ASN B 126 2.72 28.51 3.83
N ARG B 127 2.36 27.99 2.66
CA ARG B 127 3.25 27.10 1.89
C ARG B 127 3.58 25.85 2.71
N ILE B 128 2.54 25.29 3.31
CA ILE B 128 2.62 24.19 4.24
C ILE B 128 2.72 22.86 3.48
N GLY B 129 3.15 21.81 4.19
CA GLY B 129 3.00 20.45 3.71
C GLY B 129 2.14 19.65 4.66
N VAL B 130 1.44 18.65 4.14
CA VAL B 130 0.58 17.83 4.99
C VAL B 130 0.78 16.35 4.67
N GLY B 131 0.69 15.53 5.70
CA GLY B 131 0.68 14.09 5.52
C GLY B 131 -0.21 13.45 6.56
N VAL B 132 -0.86 12.36 6.20
CA VAL B 132 -1.82 11.72 7.10
C VAL B 132 -1.37 10.29 7.38
N ILE B 133 -1.20 9.96 8.65
CA ILE B 133 -0.90 8.60 9.08
C ILE B 133 -1.70 8.31 10.34
N ASP B 134 -2.16 7.06 10.48
CA ASP B 134 -3.03 6.65 11.58
C ASP B 134 -4.33 7.43 11.60
N GLY B 135 -4.74 7.99 10.47
CA GLY B 135 -5.88 8.88 10.46
C GLY B 135 -5.63 10.23 11.09
N HIS B 136 -4.39 10.51 11.51
CA HIS B 136 -4.00 11.78 12.09
C HIS B 136 -3.30 12.62 11.04
N ILE B 137 -3.57 13.93 11.07
CA ILE B 137 -3.08 14.87 10.06
C ILE B 137 -1.84 15.57 10.60
N TYR B 138 -0.80 15.66 9.77
CA TYR B 138 0.47 16.28 10.13
C TYR B 138 0.65 17.52 9.28
N ALA B 139 0.77 18.66 9.95
CA ALA B 139 1.10 19.94 9.34
C ALA B 139 2.60 20.18 9.50
N VAL B 140 3.27 20.44 8.38
CA VAL B 140 4.72 20.40 8.26
C VAL B 140 5.20 21.74 7.74
N GLY B 141 6.05 22.41 8.51
CA GLY B 141 6.72 23.60 8.05
C GLY B 141 5.75 24.73 7.74
N GLY B 142 6.02 25.41 6.64
CA GLY B 142 5.29 26.61 6.30
C GLY B 142 5.89 27.83 6.96
N SER B 143 5.31 28.99 6.61
CA SER B 143 5.82 30.26 7.09
C SER B 143 4.70 31.09 7.71
N HIS B 144 5.12 32.09 8.47
CA HIS B 144 4.19 33.04 9.08
C HIS B 144 4.98 34.33 9.25
N GLY B 145 4.63 35.35 8.47
CA GLY B 145 5.54 36.49 8.36
C GLY B 145 6.86 36.01 7.81
N CYS B 146 7.95 36.44 8.44
CA CYS B 146 9.28 36.00 8.06
CA CYS B 146 9.29 36.00 8.06
C CYS B 146 9.73 34.75 8.80
N ILE B 147 8.85 34.15 9.61
CA ILE B 147 9.22 32.96 10.37
C ILE B 147 9.03 31.74 9.49
N HIS B 148 10.11 30.99 9.27
CA HIS B 148 10.07 29.75 8.51
C HIS B 148 10.06 28.60 9.52
N HIS B 149 8.92 27.91 9.61
CA HIS B 149 8.74 26.88 10.62
C HIS B 149 9.58 25.65 10.32
N ASN B 150 10.20 25.10 11.36
CA ASN B 150 10.63 23.70 11.35
C ASN B 150 9.72 22.85 12.22
N SER B 151 8.66 23.43 12.77
CA SER B 151 7.76 22.71 13.66
C SER B 151 6.74 21.89 12.87
N VAL B 152 6.27 20.82 13.49
CA VAL B 152 5.27 19.94 12.91
C VAL B 152 4.19 19.70 13.96
N GLU B 153 2.94 19.71 13.53
CA GLU B 153 1.81 19.49 14.44
C GLU B 153 0.95 18.34 13.94
N ARG B 154 0.33 17.65 14.89
CA ARG B 154 -0.52 16.51 14.58
C ARG B 154 -1.93 16.76 15.12
N TYR B 155 -2.91 16.44 14.28
CA TYR B 155 -4.31 16.72 14.51
C TYR B 155 -5.07 15.39 14.52
N GLU B 156 -5.90 15.21 15.54
CA GLU B 156 -6.80 14.06 15.58
C GLU B 156 -8.24 14.53 15.39
N PRO B 157 -8.95 13.94 14.41
CA PRO B 157 -10.31 14.38 14.08
C PRO B 157 -11.37 13.96 15.11
N GLU B 158 -11.45 12.66 15.39
CA GLU B 158 -12.45 12.13 16.30
C GLU B 158 -12.26 12.67 17.71
N ARG B 159 -11.19 13.43 17.92
CA ARG B 159 -11.00 14.22 19.12
C ARG B 159 -10.65 15.67 18.82
N ASP B 160 -10.61 16.05 17.53
CA ASP B 160 -10.39 17.41 17.05
C ASP B 160 -9.36 18.17 17.89
N GLU B 161 -8.08 17.87 17.71
CA GLU B 161 -7.07 18.56 18.49
C GLU B 161 -5.77 18.62 17.70
N TRP B 162 -4.97 19.65 17.99
CA TRP B 162 -3.60 19.76 17.49
C TRP B 162 -2.64 19.74 18.65
N HIS B 163 -1.53 19.01 18.48
CA HIS B 163 -0.43 19.04 19.42
C HIS B 163 0.89 18.96 18.67
N LEU B 164 1.91 19.63 19.21
CA LEU B 164 3.21 19.70 18.57
C LEU B 164 3.96 18.38 18.75
N VAL B 165 4.63 17.96 17.68
CA VAL B 165 5.56 16.84 17.75
C VAL B 165 6.97 17.39 17.59
N ALA B 166 7.94 16.52 17.36
CA ALA B 166 9.31 16.97 17.24
C ALA B 166 9.47 17.88 16.03
N PRO B 167 10.26 18.94 16.13
CA PRO B 167 10.54 19.76 14.96
C PRO B 167 11.44 19.03 13.98
N MET B 168 11.30 19.38 12.71
CA MET B 168 12.19 18.84 11.69
C MET B 168 13.62 19.28 11.97
N LEU B 169 14.57 18.59 11.32
CA LEU B 169 15.95 19.06 11.36
C LEU B 169 16.10 20.42 10.68
N THR B 170 15.20 20.72 9.74
CA THR B 170 15.35 21.88 8.86
C THR B 170 14.05 22.67 8.83
N ARG B 171 14.18 24.00 8.84
CA ARG B 171 13.03 24.84 8.54
C ARG B 171 12.69 24.71 7.06
N ARG B 172 11.41 24.50 6.76
CA ARG B 172 11.01 24.19 5.39
C ARG B 172 9.68 24.84 5.08
N ILE B 173 9.67 25.72 4.10
CA ILE B 173 8.42 26.21 3.51
CA ILE B 173 8.45 26.24 3.50
C ILE B 173 8.42 25.80 2.05
N GLY B 174 7.23 25.65 1.50
CA GLY B 174 7.13 25.07 0.18
C GLY B 174 7.67 23.65 0.14
N VAL B 175 7.45 22.90 1.21
CA VAL B 175 7.99 21.55 1.37
C VAL B 175 6.97 20.55 0.83
N GLY B 176 7.46 19.52 0.15
CA GLY B 176 6.60 18.44 -0.30
C GLY B 176 6.59 17.32 0.71
N VAL B 177 5.40 16.82 1.03
CA VAL B 177 5.24 15.82 2.06
C VAL B 177 4.61 14.57 1.47
N ALA B 178 5.11 13.41 1.87
CA ALA B 178 4.54 12.15 1.42
C ALA B 178 4.64 11.12 2.54
N VAL B 179 3.89 10.03 2.39
CA VAL B 179 3.75 9.03 3.45
C VAL B 179 4.05 7.67 2.87
N LEU B 180 4.93 6.92 3.53
CA LEU B 180 5.26 5.58 3.05
C LEU B 180 5.58 4.68 4.23
N ASN B 181 4.91 3.52 4.27
CA ASN B 181 5.09 2.54 5.35
C ASN B 181 4.90 3.18 6.72
N ARG B 182 3.87 4.04 6.82
CA ARG B 182 3.54 4.77 8.05
CA ARG B 182 3.55 4.75 8.06
C ARG B 182 4.72 5.61 8.55
N LEU B 183 5.53 6.12 7.63
CA LEU B 183 6.63 7.03 7.93
C LEU B 183 6.48 8.28 7.10
N LEU B 184 6.76 9.45 7.69
CA LEU B 184 6.41 10.72 7.04
C LEU B 184 7.65 11.40 6.46
N TYR B 185 7.68 11.60 5.15
CA TYR B 185 8.80 12.23 4.48
C TYR B 185 8.51 13.69 4.16
N ALA B 186 9.45 14.56 4.52
CA ALA B 186 9.46 15.96 4.11
C ALA B 186 10.61 16.17 3.15
N VAL B 187 10.33 16.83 2.03
CA VAL B 187 11.19 16.83 0.85
C VAL B 187 11.31 18.25 0.32
N GLY B 188 12.55 18.72 0.19
CA GLY B 188 12.81 20.01 -0.44
C GLY B 188 12.31 21.16 0.40
N GLY B 189 12.12 22.31 -0.26
CA GLY B 189 11.60 23.48 0.40
C GLY B 189 12.60 24.62 0.47
N PHE B 190 12.34 25.53 1.41
CA PHE B 190 13.09 26.77 1.58
C PHE B 190 13.22 27.03 3.08
N ASP B 191 14.46 27.24 3.54
CA ASP B 191 14.68 27.47 4.96
C ASP B 191 14.70 28.95 5.32
N GLY B 192 14.37 29.82 4.37
CA GLY B 192 14.52 31.25 4.54
C GLY B 192 15.74 31.82 3.86
N THR B 193 16.73 30.97 3.53
CA THR B 193 17.94 31.43 2.88
C THR B 193 18.32 30.50 1.73
N ASN B 194 18.28 29.20 1.96
CA ASN B 194 18.65 28.21 0.96
C ASN B 194 17.43 27.40 0.54
N ARG B 195 17.34 27.11 -0.76
CA ARG B 195 16.43 26.10 -1.24
C ARG B 195 17.12 24.74 -1.14
N LEU B 196 16.33 23.69 -0.93
CA LEU B 196 16.83 22.43 -0.41
C LEU B 196 16.64 21.29 -1.41
N ASN B 197 17.63 20.41 -1.47
CA ASN B 197 17.46 19.10 -2.08
C ASN B 197 17.39 18.00 -1.04
N SER B 198 17.49 18.34 0.24
CA SER B 198 17.47 17.35 1.31
C SER B 198 16.05 16.87 1.58
N ALA B 199 15.96 15.65 2.11
CA ALA B 199 14.71 15.09 2.59
C ALA B 199 14.95 14.42 3.94
N GLU B 200 13.95 14.51 4.80
CA GLU B 200 14.01 13.87 6.10
C GLU B 200 12.76 13.05 6.32
N CYS B 201 12.82 12.18 7.33
CA CYS B 201 11.79 11.20 7.60
CA CYS B 201 11.79 11.20 7.60
C CYS B 201 11.46 11.20 9.08
N TYR B 202 10.17 11.28 9.40
CA TYR B 202 9.66 11.26 10.75
C TYR B 202 9.19 9.84 11.08
N TYR B 203 9.72 9.31 12.19
CA TYR B 203 9.33 8.03 12.77
C TYR B 203 8.37 8.31 13.92
N PRO B 204 7.08 8.00 13.77
CA PRO B 204 6.13 8.30 14.84
C PRO B 204 6.42 7.59 16.15
N GLU B 205 7.00 6.39 16.09
CA GLU B 205 7.21 5.61 17.31
C GLU B 205 8.32 6.16 18.19
N ARG B 206 9.09 7.14 17.70
CA ARG B 206 10.19 7.69 18.48
C ARG B 206 10.17 9.20 18.58
N ASN B 207 9.25 9.89 17.91
CA ASN B 207 9.21 11.35 17.87
C ASN B 207 10.57 11.88 17.37
N GLU B 208 10.95 11.42 16.18
CA GLU B 208 12.31 11.62 15.71
C GLU B 208 12.32 11.84 14.20
N TRP B 209 13.20 12.74 13.76
CA TRP B 209 13.45 12.99 12.36
C TRP B 209 14.84 12.48 11.99
N ARG B 210 14.96 11.96 10.78
CA ARG B 210 16.21 11.38 10.28
C ARG B 210 16.43 11.82 8.85
N MET B 211 17.59 12.41 8.57
CA MET B 211 17.92 12.79 7.21
CA MET B 211 17.91 12.77 7.20
C MET B 211 18.09 11.54 6.35
N ILE B 212 17.64 11.60 5.10
CA ILE B 212 17.84 10.50 4.17
C ILE B 212 18.74 11.01 3.05
N THR B 213 18.84 10.25 1.96
CA THR B 213 19.60 10.70 0.81
C THR B 213 18.95 11.94 0.22
N ALA B 214 19.78 12.94 -0.11
CA ALA B 214 19.27 14.15 -0.73
C ALA B 214 18.86 13.87 -2.17
N MET B 215 17.97 14.72 -2.68
CA MET B 215 17.57 14.64 -4.07
C MET B 215 18.74 15.02 -4.98
N ASN B 216 18.60 14.67 -6.26
CA ASN B 216 19.57 15.13 -7.24
C ASN B 216 19.38 16.59 -7.61
N THR B 217 18.22 17.18 -7.29
CA THR B 217 17.90 18.53 -7.67
C THR B 217 17.34 19.31 -6.48
N ILE B 218 17.83 20.53 -6.31
CA ILE B 218 17.25 21.45 -5.33
C ILE B 218 15.88 21.86 -5.82
N ARG B 219 14.84 21.58 -5.02
CA ARG B 219 13.46 21.88 -5.38
C ARG B 219 12.76 22.52 -4.19
N SER B 220 12.16 23.68 -4.43
CA SER B 220 11.22 24.28 -3.49
C SER B 220 9.93 24.55 -4.24
N GLY B 221 8.80 24.25 -3.60
CA GLY B 221 7.52 24.37 -4.31
C GLY B 221 7.29 23.26 -5.31
N ALA B 222 7.86 22.09 -5.08
CA ALA B 222 7.63 20.94 -5.95
C ALA B 222 6.35 20.22 -5.53
N GLY B 223 5.90 19.30 -6.40
CA GLY B 223 4.83 18.41 -6.08
C GLY B 223 5.41 17.07 -5.65
N VAL B 224 5.04 16.63 -4.45
CA VAL B 224 5.62 15.43 -3.86
C VAL B 224 4.50 14.49 -3.47
N CYS B 225 4.63 13.22 -3.85
CA CYS B 225 3.59 12.24 -3.57
C CYS B 225 4.24 10.85 -3.51
N VAL B 226 3.40 9.84 -3.32
CA VAL B 226 3.83 8.45 -3.31
CA VAL B 226 3.82 8.45 -3.30
C VAL B 226 3.05 7.70 -4.39
N LEU B 227 3.76 7.08 -5.31
CA LEU B 227 3.13 6.29 -6.36
C LEU B 227 3.83 4.94 -6.45
N HIS B 228 3.04 3.87 -6.38
CA HIS B 228 3.56 2.50 -6.50
C HIS B 228 4.77 2.31 -5.58
N ASN B 229 4.67 2.92 -4.40
CA ASN B 229 5.62 2.79 -3.31
C ASN B 229 6.98 3.42 -3.60
N CYS B 230 7.04 4.36 -4.53
CA CYS B 230 8.21 5.21 -4.72
C CYS B 230 7.80 6.65 -4.47
N ILE B 231 8.68 7.42 -3.84
CA ILE B 231 8.37 8.81 -3.51
C ILE B 231 8.73 9.69 -4.71
N TYR B 232 7.73 10.28 -5.34
CA TYR B 232 7.96 11.12 -6.51
C TYR B 232 8.02 12.59 -6.11
N ALA B 233 9.01 13.29 -6.67
CA ALA B 233 9.14 14.75 -6.56
C ALA B 233 9.22 15.30 -7.97
N ALA B 234 8.30 16.21 -8.29
CA ALA B 234 8.15 16.73 -9.64
C ALA B 234 8.19 18.25 -9.61
N GLY B 235 8.97 18.84 -10.52
CA GLY B 235 9.00 20.28 -10.64
C GLY B 235 9.60 20.98 -9.44
N GLY B 236 9.14 22.20 -9.21
CA GLY B 236 9.64 23.04 -8.16
C GLY B 236 10.42 24.23 -8.69
N TYR B 237 11.20 24.83 -7.80
CA TYR B 237 12.03 25.99 -8.13
C TYR B 237 13.34 25.87 -7.36
N ASP B 238 14.45 26.07 -8.05
CA ASP B 238 15.78 25.78 -7.52
C ASP B 238 16.57 27.03 -7.16
N GLY B 239 15.95 28.20 -7.21
CA GLY B 239 16.64 29.45 -7.01
C GLY B 239 16.98 30.21 -8.27
N GLN B 240 16.87 29.56 -9.42
CA GLN B 240 17.14 30.23 -10.69
C GLN B 240 16.07 29.98 -11.75
N ASP B 241 15.60 28.74 -11.90
CA ASP B 241 14.60 28.41 -12.89
CA ASP B 241 14.59 28.42 -12.89
C ASP B 241 13.59 27.45 -12.30
N GLN B 242 12.36 27.50 -12.83
CA GLN B 242 11.36 26.49 -12.51
C GLN B 242 11.70 25.21 -13.27
N LEU B 243 11.31 24.08 -12.68
CA LEU B 243 11.78 22.78 -13.14
C LEU B 243 10.66 21.96 -13.76
N ASN B 244 10.99 21.19 -14.80
CA ASN B 244 10.13 20.14 -15.30
C ASN B 244 10.67 18.75 -15.01
N SER B 245 11.88 18.64 -14.45
CA SER B 245 12.43 17.35 -14.12
C SER B 245 11.62 16.67 -13.01
N VAL B 246 11.65 15.35 -12.99
CA VAL B 246 10.94 14.55 -11.99
C VAL B 246 11.87 13.42 -11.55
N GLU B 247 11.91 13.16 -10.25
CA GLU B 247 12.74 12.07 -9.74
C GLU B 247 12.02 11.36 -8.60
N ARG B 248 12.28 10.05 -8.51
CA ARG B 248 11.62 9.18 -7.55
C ARG B 248 12.64 8.53 -6.64
N TYR B 249 12.25 8.36 -5.39
CA TYR B 249 13.07 7.78 -4.33
C TYR B 249 12.62 6.35 -4.07
N ASP B 250 13.59 5.43 -4.11
CA ASP B 250 13.43 4.03 -3.80
C ASP B 250 13.97 3.79 -2.40
N VAL B 251 13.10 3.34 -1.49
CA VAL B 251 13.45 3.30 -0.07
CA VAL B 251 13.44 3.28 -0.07
C VAL B 251 14.45 2.17 0.21
N GLU B 252 14.27 1.01 -0.41
CA GLU B 252 15.17 -0.11 -0.14
C GLU B 252 16.59 0.22 -0.55
N THR B 253 16.79 0.65 -1.79
CA THR B 253 18.11 1.06 -2.24
C THR B 253 18.50 2.44 -1.74
N GLU B 254 17.56 3.20 -1.16
CA GLU B 254 17.80 4.56 -0.68
C GLU B 254 18.34 5.44 -1.81
N THR B 255 17.73 5.35 -2.98
CA THR B 255 18.30 5.97 -4.18
C THR B 255 17.27 6.83 -4.91
N TRP B 256 17.68 8.02 -5.33
CA TRP B 256 16.87 8.89 -6.18
C TRP B 256 17.25 8.68 -7.64
N THR B 257 16.23 8.61 -8.50
CA THR B 257 16.42 8.39 -9.93
C THR B 257 15.47 9.28 -10.71
N PHE B 258 15.98 9.96 -11.74
CA PHE B 258 15.11 10.75 -12.59
C PHE B 258 14.21 9.84 -13.43
N VAL B 259 12.98 10.30 -13.66
CA VAL B 259 12.06 9.62 -14.56
C VAL B 259 11.74 10.56 -15.71
N ALA B 260 10.67 10.26 -16.44
CA ALA B 260 10.25 11.15 -17.52
C ALA B 260 9.92 12.52 -16.95
N PRO B 261 10.48 13.60 -17.50
CA PRO B 261 10.13 14.95 -17.04
C PRO B 261 8.80 15.41 -17.61
N MET B 262 8.26 16.45 -16.97
CA MET B 262 6.98 17.01 -17.39
C MET B 262 7.15 17.85 -18.65
N LYS B 263 6.05 17.98 -19.40
CA LYS B 263 6.06 18.84 -20.58
C LYS B 263 6.34 20.29 -20.18
N HIS B 264 5.61 20.82 -19.21
CA HIS B 264 5.70 22.21 -18.80
C HIS B 264 6.33 22.29 -17.42
N ARG B 265 7.43 23.04 -17.32
CA ARG B 265 8.03 23.33 -16.02
CA ARG B 265 8.01 23.28 -16.01
C ARG B 265 7.05 24.11 -15.16
N ARG B 266 7.10 23.87 -13.86
CA ARG B 266 6.14 24.51 -12.97
C ARG B 266 6.59 24.36 -11.52
N SER B 267 6.34 25.39 -10.72
CA SER B 267 6.49 25.34 -9.28
C SER B 267 5.18 25.75 -8.63
N ALA B 268 5.03 25.40 -7.34
CA ALA B 268 3.77 25.57 -6.61
C ALA B 268 2.63 24.85 -7.32
N LEU B 269 2.93 23.69 -7.87
CA LEU B 269 1.95 22.87 -8.58
C LEU B 269 1.19 21.99 -7.60
N GLY B 270 -0.05 21.66 -7.97
CA GLY B 270 -0.79 20.64 -7.26
C GLY B 270 -0.46 19.27 -7.82
N ILE B 271 -0.52 18.24 -6.96
CA ILE B 271 -0.16 16.89 -7.37
C ILE B 271 -1.01 15.89 -6.60
N THR B 272 -1.34 14.78 -7.26
CA THR B 272 -2.15 13.76 -6.59
C THR B 272 -2.10 12.44 -7.36
N VAL B 273 -2.37 11.36 -6.62
CA VAL B 273 -2.35 10.00 -7.15
C VAL B 273 -3.77 9.46 -7.15
N HIS B 274 -4.17 8.82 -8.25
CA HIS B 274 -5.41 8.07 -8.25
C HIS B 274 -5.34 6.94 -9.28
N GLN B 275 -5.97 5.81 -8.93
CA GLN B 275 -5.98 4.59 -9.73
CA GLN B 275 -5.99 4.61 -9.76
C GLN B 275 -4.61 4.33 -10.34
N GLY B 276 -3.57 4.47 -9.51
CA GLY B 276 -2.22 4.12 -9.91
C GLY B 276 -1.54 5.03 -10.91
N ARG B 277 -2.03 6.26 -11.09
CA ARG B 277 -1.33 7.23 -11.92
C ARG B 277 -1.29 8.57 -11.21
N ILE B 278 -0.43 9.48 -11.66
CA ILE B 278 -0.33 10.75 -10.95
C ILE B 278 -0.71 11.89 -11.88
N TYR B 279 -1.20 12.99 -11.29
CA TYR B 279 -1.63 14.16 -12.04
C TYR B 279 -1.08 15.40 -11.35
N VAL B 280 -0.52 16.30 -12.16
CA VAL B 280 -0.06 17.60 -11.70
C VAL B 280 -0.92 18.68 -12.36
N LEU B 281 -1.30 19.68 -11.55
CA LEU B 281 -2.29 20.68 -11.89
C LEU B 281 -1.72 22.06 -11.64
N GLY B 282 -1.78 22.92 -12.66
CA GLY B 282 -1.42 24.32 -12.55
C GLY B 282 0.05 24.53 -12.17
N GLY B 283 0.30 25.72 -11.63
CA GLY B 283 1.62 26.14 -11.24
C GLY B 283 2.01 27.45 -11.92
N TYR B 284 3.27 27.81 -11.75
CA TYR B 284 3.84 29.04 -12.30
C TYR B 284 5.22 28.71 -12.87
N ASP B 285 5.54 29.31 -14.01
CA ASP B 285 6.77 28.99 -14.73
C ASP B 285 7.65 30.21 -14.95
N GLY B 286 7.52 31.22 -14.10
CA GLY B 286 8.24 32.47 -14.25
C GLY B 286 7.50 33.51 -15.07
N HIS B 287 6.57 33.11 -15.93
CA HIS B 287 5.85 34.02 -16.79
C HIS B 287 4.35 33.90 -16.67
N THR B 288 3.82 32.68 -16.65
CA THR B 288 2.39 32.43 -16.78
C THR B 288 1.88 31.63 -15.60
N PHE B 289 0.63 31.87 -15.22
CA PHE B 289 -0.10 31.01 -14.29
C PHE B 289 -0.79 29.93 -15.11
N LEU B 290 -0.39 28.68 -14.91
CA LEU B 290 -0.71 27.61 -15.83
C LEU B 290 -2.07 27.00 -15.51
N ASP B 291 -2.81 26.67 -16.57
CA ASP B 291 -4.04 25.91 -16.48
C ASP B 291 -3.87 24.47 -16.89
N SER B 292 -2.68 24.10 -17.36
CA SER B 292 -2.45 22.76 -17.88
CA SER B 292 -2.46 22.76 -17.89
C SER B 292 -2.52 21.70 -16.78
N VAL B 293 -2.84 20.48 -17.17
CA VAL B 293 -2.81 19.33 -16.29
C VAL B 293 -2.04 18.23 -17.00
N GLU B 294 -1.03 17.68 -16.34
CA GLU B 294 -0.21 16.63 -16.92
C GLU B 294 -0.34 15.35 -16.11
N CYS B 295 -0.52 14.24 -16.81
CA CYS B 295 -0.57 12.91 -16.19
C CYS B 295 0.75 12.20 -16.35
N TYR B 296 1.21 11.59 -15.27
CA TYR B 296 2.32 10.65 -15.32
C TYR B 296 1.81 9.24 -15.21
N ASP B 297 2.47 8.38 -15.99
CA ASP B 297 2.00 7.06 -16.40
C ASP B 297 3.21 6.15 -16.25
N PRO B 298 3.26 5.33 -15.19
CA PRO B 298 4.53 4.70 -14.80
C PRO B 298 4.83 3.37 -15.49
N ASP B 299 3.80 2.60 -15.82
CA ASP B 299 4.00 1.44 -16.70
C ASP B 299 4.76 1.83 -17.96
N THR B 300 4.73 3.11 -18.30
CA THR B 300 5.14 3.63 -19.58
C THR B 300 6.27 4.66 -19.46
N ASP B 301 6.45 5.25 -18.28
CA ASP B 301 7.25 6.45 -18.12
C ASP B 301 6.91 7.48 -19.21
N THR B 302 5.67 7.96 -19.21
CA THR B 302 5.25 9.02 -20.11
C THR B 302 4.44 10.07 -19.35
N TRP B 303 4.60 11.31 -19.81
CA TRP B 303 3.82 12.44 -19.32
C TRP B 303 2.85 12.87 -20.42
N SER B 304 1.55 12.77 -20.13
CA SER B 304 0.51 13.11 -21.09
C SER B 304 -0.28 14.31 -20.59
N GLU B 305 -0.59 15.23 -21.50
CA GLU B 305 -1.37 16.42 -21.15
C GLU B 305 -2.84 16.02 -21.10
N VAL B 306 -3.35 15.79 -19.89
CA VAL B 306 -4.72 15.34 -19.67
C VAL B 306 -5.70 16.38 -20.15
N THR B 307 -5.72 17.50 -19.43
CA THR B 307 -6.81 18.46 -19.50
C THR B 307 -6.28 19.84 -19.19
N ARG B 308 -7.21 20.77 -19.02
CA ARG B 308 -6.90 22.12 -18.61
C ARG B 308 -7.85 22.52 -17.50
N MET B 309 -7.33 23.18 -16.48
CA MET B 309 -8.19 23.74 -15.44
CA MET B 309 -8.21 23.71 -15.45
C MET B 309 -9.05 24.86 -16.03
N THR B 310 -10.22 25.07 -15.43
CA THR B 310 -11.11 26.12 -15.93
C THR B 310 -10.51 27.51 -15.79
N SER B 311 -9.37 27.63 -15.10
CA SER B 311 -8.59 28.85 -15.06
C SER B 311 -7.21 28.49 -14.52
N GLY B 312 -6.18 29.13 -15.10
CA GLY B 312 -4.84 28.93 -14.61
C GLY B 312 -4.67 29.49 -13.21
N ARG B 313 -3.77 28.88 -12.46
CA ARG B 313 -3.52 29.27 -11.08
C ARG B 313 -2.32 28.48 -10.54
N SER B 314 -1.91 28.83 -9.32
CA SER B 314 -0.85 28.13 -8.61
C SER B 314 -1.16 28.11 -7.13
N GLY B 315 -0.48 27.22 -6.42
CA GLY B 315 -0.59 27.17 -4.96
C GLY B 315 -1.84 26.51 -4.42
N VAL B 316 -2.33 25.47 -5.07
CA VAL B 316 -3.59 24.84 -4.70
C VAL B 316 -3.33 23.69 -3.73
N GLY B 317 -4.35 23.38 -2.94
CA GLY B 317 -4.44 22.10 -2.28
C GLY B 317 -5.16 21.11 -3.20
N VAL B 318 -4.80 19.84 -3.11
CA VAL B 318 -5.31 18.83 -4.03
CA VAL B 318 -5.34 18.85 -4.01
C VAL B 318 -5.36 17.49 -3.32
N ALA B 319 -6.46 16.76 -3.50
CA ALA B 319 -6.63 15.46 -2.86
C ALA B 319 -7.74 14.72 -3.58
N VAL B 320 -7.86 13.42 -3.31
CA VAL B 320 -8.82 12.59 -4.05
C VAL B 320 -9.85 12.06 -3.04
N THR B 321 -11.11 11.99 -3.46
CA THR B 321 -12.12 11.23 -2.72
C THR B 321 -13.36 11.01 -3.58
N GLY C 1 4.44 37.54 -6.30
CA GLY C 1 5.65 38.72 -6.34
C GLY C 1 6.88 37.98 -6.07
N ALA C 2 6.79 36.67 -5.99
CA ALA C 2 7.94 35.84 -5.74
C ALA C 2 8.00 34.72 -6.78
N GLU C 3 9.19 34.54 -7.40
CA GLU C 3 9.33 33.67 -8.57
C GLU C 3 8.87 32.26 -8.31
N GLU C 4 8.97 31.81 -7.07
CA GLU C 4 8.62 30.44 -6.79
C GLU C 4 7.13 30.20 -7.00
N THR C 5 6.27 31.03 -6.39
CA THR C 5 4.83 30.85 -6.47
C THR C 5 4.15 31.82 -7.39
N GLY C 6 4.82 32.85 -7.78
CA GLY C 6 4.16 33.90 -8.47
C GLY C 6 3.38 34.84 -7.57
N GLU C 7 3.47 34.71 -6.27
CA GLU C 7 2.77 35.58 -5.36
C GLU C 7 3.79 36.86 -5.07
#